data_6O19
#
_entry.id   6O19
#
_cell.length_a   53.169
_cell.length_b   37.581
_cell.length_c   57.564
_cell.angle_alpha   90.00
_cell.angle_beta   104.23
_cell.angle_gamma   90.00
#
_symmetry.space_group_name_H-M   'P 1 21 1'
#
loop_
_entity.id
_entity.type
_entity.pdbx_description
1 polymer 'Transcription factor Pho7'
2 polymer "DNA (5'-D(*TP*TP*AP*TP*TP*CP*GP*GP*AP*AP*AP*TP*TP*AP*AP*AP*AP*AP*CP*A)-3')"
3 polymer "DNA (5'-D(*GP*TP*TP*TP*TP*TP*AP*AP*TP*TP*TP*CP*CP*GP*AP*AP*TP*AP*AP*T)-3')"
4 non-polymer 'ZINC ION'
5 water water
#
loop_
_entity_poly.entity_id
_entity_poly.type
_entity_poly.pdbx_seq_one_letter_code
_entity_poly.pdbx_strand_id
1 'polypeptide(L)' SGKVKKRLPQAKRACAKCQKDNKKCDDARPCQRCIKAKTDCIDLPRKKRPTGVRRGPYK A
2 'polydeoxyribonucleotide' (DT)(DT)(DA)(DT)(DT)(DC)(DG)(DG)(DA)(DA)(DA)(DT)(DT)(DA)(DA)(DA)(DA)(DA)(DC)(DA) C
3 'polydeoxyribonucleotide' (DG)(DT)(DT)(DT)(DT)(DT)(DA)(DA)(DT)(DT)(DT)(DC)(DC)(DG)(DA)(DA)(DT)(DA)(DA)(DT) B
#
loop_
_chem_comp.id
_chem_comp.type
_chem_comp.name
_chem_comp.formula
DA DNA linking 2'-DEOXYADENOSINE-5'-MONOPHOSPHATE 'C10 H14 N5 O6 P'
DC DNA linking 2'-DEOXYCYTIDINE-5'-MONOPHOSPHATE 'C9 H14 N3 O7 P'
DG DNA linking 2'-DEOXYGUANOSINE-5'-MONOPHOSPHATE 'C10 H14 N5 O7 P'
DT DNA linking THYMIDINE-5'-MONOPHOSPHATE 'C10 H15 N2 O8 P'
ZN non-polymer 'ZINC ION' 'Zn 2'
#
# COMPACT_ATOMS: atom_id res chain seq x y z
N SER A 1 25.76 11.88 16.48
CA SER A 1 24.31 11.90 16.60
C SER A 1 23.76 10.50 16.34
N GLY A 2 22.76 10.09 17.12
CA GLY A 2 22.11 8.84 16.85
C GLY A 2 21.32 8.92 15.56
N LYS A 3 20.95 7.74 15.07
CA LYS A 3 20.18 7.61 13.84
C LYS A 3 18.70 7.91 14.04
N VAL A 4 18.13 8.72 13.16
CA VAL A 4 16.69 8.94 13.10
C VAL A 4 16.07 7.91 12.16
N LYS A 5 14.95 7.33 12.57
CA LYS A 5 14.25 6.34 11.77
C LYS A 5 13.70 6.99 10.51
N LYS A 6 14.24 6.62 9.35
CA LYS A 6 13.71 7.07 8.07
C LYS A 6 12.35 6.42 7.83
N ARG A 7 11.27 7.21 7.80
CA ARG A 7 10.00 6.68 7.32
C ARG A 7 10.15 6.37 5.84
N LEU A 8 10.09 5.08 5.47
CA LEU A 8 10.34 4.70 4.09
C LEU A 8 9.27 5.30 3.17
N PRO A 9 9.64 5.69 1.96
CA PRO A 9 8.59 6.04 0.98
C PRO A 9 7.64 4.87 0.79
N GLN A 10 6.37 5.19 0.55
CA GLN A 10 5.38 4.13 0.38
C GLN A 10 5.51 3.46 -0.98
N ALA A 11 5.12 2.19 -1.01
CA ALA A 11 5.00 1.48 -2.28
C ALA A 11 3.97 2.17 -3.16
N LYS A 12 4.17 2.09 -4.49
CA LYS A 12 3.17 2.64 -5.41
C LYS A 12 1.81 2.06 -5.12
N ARG A 13 1.74 0.75 -4.89
CA ARG A 13 0.53 0.09 -4.42
C ARG A 13 0.93 -1.17 -3.66
N ALA A 14 0.06 -1.59 -2.75
CA ALA A 14 0.32 -2.78 -1.95
C ALA A 14 -0.41 -3.98 -2.52
N CYS A 15 0.26 -5.12 -2.51
CA CYS A 15 -0.34 -6.37 -2.95
C CYS A 15 -1.34 -6.87 -1.89
N ALA A 16 -2.11 -7.89 -2.28
CA ALA A 16 -3.21 -8.32 -1.45
C ALA A 16 -2.73 -8.82 -0.08
N LYS A 17 -1.60 -9.52 -0.02
CA LYS A 17 -1.15 -10.04 1.27
C LYS A 17 -0.64 -8.92 2.17
N CYS A 18 0.12 -7.97 1.62
CA CYS A 18 0.55 -6.83 2.44
C CYS A 18 -0.64 -6.00 2.89
N GLN A 19 -1.67 -5.89 2.06
CA GLN A 19 -2.90 -5.22 2.48
C GLN A 19 -3.56 -5.96 3.65
N LYS A 20 -3.70 -7.28 3.53
CA LYS A 20 -4.34 -8.05 4.59
C LYS A 20 -3.56 -7.96 5.89
N ASP A 21 -2.23 -8.02 5.80
CA ASP A 21 -1.38 -8.02 6.99
C ASP A 21 -1.10 -6.63 7.55
N ASN A 22 -1.54 -5.58 6.85
CA ASN A 22 -1.17 -4.19 7.17
C ASN A 22 0.35 -4.03 7.31
N LYS A 23 1.10 -4.53 6.33
CA LYS A 23 2.55 -4.47 6.38
C LYS A 23 3.11 -3.78 5.12
N LYS A 24 4.42 -3.57 5.12
CA LYS A 24 5.09 -2.75 4.12
C LYS A 24 5.29 -3.53 2.83
N CYS A 25 4.66 -3.09 1.76
CA CYS A 25 4.87 -3.68 0.44
C CYS A 25 6.06 -2.98 -0.24
N ASP A 26 6.29 -3.26 -1.52
CA ASP A 26 7.31 -2.56 -2.28
C ASP A 26 6.90 -2.57 -3.74
N ASP A 27 7.81 -2.16 -4.63
CA ASP A 27 7.44 -2.03 -6.04
C ASP A 27 7.91 -3.22 -6.88
N ALA A 28 8.51 -4.23 -6.26
CA ALA A 28 8.79 -5.48 -6.95
C ALA A 28 7.53 -6.33 -7.00
N ARG A 29 7.43 -7.15 -8.06
CA ARG A 29 6.35 -8.13 -8.15
C ARG A 29 6.93 -9.46 -8.63
N PRO A 30 6.98 -10.50 -7.77
CA PRO A 30 6.44 -10.51 -6.40
C PRO A 30 7.19 -9.59 -5.44
N CYS A 31 6.48 -9.06 -4.44
CA CYS A 31 7.11 -8.18 -3.46
C CYS A 31 7.98 -8.99 -2.51
N GLN A 32 8.84 -8.29 -1.77
CA GLN A 32 9.82 -9.01 -0.95
C GLN A 32 9.13 -9.82 0.15
N ARG A 33 8.04 -9.30 0.72
CA ARG A 33 7.37 -10.03 1.79
C ARG A 33 6.75 -11.32 1.27
N CYS A 34 6.23 -11.30 0.03
CA CYS A 34 5.63 -12.50 -0.54
C CYS A 34 6.70 -13.53 -0.91
N ILE A 35 7.86 -13.08 -1.39
CA ILE A 35 8.95 -14.03 -1.67
C ILE A 35 9.34 -14.77 -0.40
N LYS A 36 9.54 -14.02 0.68
CA LYS A 36 9.94 -14.63 1.96
C LYS A 36 8.87 -15.55 2.51
N ALA A 37 7.59 -15.14 2.43
CA ALA A 37 6.47 -15.93 2.95
C ALA A 37 6.06 -17.07 2.02
N LYS A 38 6.59 -17.11 0.80
CA LYS A 38 6.22 -18.10 -0.21
C LYS A 38 4.72 -18.04 -0.52
N THR A 39 4.18 -16.82 -0.63
CA THR A 39 2.77 -16.60 -0.85
C THR A 39 2.55 -15.87 -2.18
N ASP A 40 1.48 -16.25 -2.88
CA ASP A 40 1.10 -15.59 -4.12
C ASP A 40 1.02 -14.08 -3.92
N CYS A 41 1.65 -13.34 -4.83
CA CYS A 41 1.66 -11.88 -4.77
C CYS A 41 0.75 -11.35 -5.87
N ILE A 42 -0.44 -10.90 -5.48
CA ILE A 42 -1.49 -10.50 -6.42
C ILE A 42 -1.88 -9.06 -6.13
N ASP A 43 -2.09 -8.27 -7.19
CA ASP A 43 -2.66 -6.93 -7.05
C ASP A 43 -4.17 -6.95 -7.28
N LEU A 44 -4.90 -6.34 -6.37
CA LEU A 44 -6.35 -6.25 -6.44
C LEU A 44 -6.78 -4.80 -6.64
N PRO A 45 -7.96 -4.56 -7.23
CA PRO A 45 -8.33 -3.19 -7.59
C PRO A 45 -8.76 -2.37 -6.38
N ARG A 46 -8.53 -1.06 -6.50
CA ARG A 46 -8.91 -0.14 -5.45
C ARG A 46 -10.36 0.30 -5.58
N LYS A 47 -10.93 0.70 -4.46
CA LYS A 47 -12.23 1.36 -4.45
C LYS A 47 -12.12 2.72 -5.12
N LYS A 48 -13.12 3.07 -5.92
CA LYS A 48 -13.21 4.39 -6.52
C LYS A 48 -14.28 5.18 -5.79
N ARG A 49 -13.88 6.27 -5.14
CA ARG A 49 -14.87 7.02 -4.37
C ARG A 49 -15.92 7.60 -5.30
N PRO A 50 -17.15 7.81 -4.80
CA PRO A 50 -18.26 8.09 -5.69
C PRO A 50 -18.31 9.52 -6.18
N THR A 51 -19.04 9.68 -7.28
CA THR A 51 -19.39 10.97 -7.86
C THR A 51 -20.80 11.32 -7.46
N GLY A 52 -21.05 12.60 -7.24
CA GLY A 52 -22.40 13.06 -6.96
C GLY A 52 -22.68 13.34 -5.50
N VAL A 53 -21.66 13.45 -4.67
CA VAL A 53 -21.82 13.77 -3.26
C VAL A 53 -21.26 15.16 -3.04
N ARG A 54 -22.14 16.14 -2.84
CA ARG A 54 -21.70 17.52 -2.62
C ARG A 54 -20.92 17.64 -1.33
N ARG A 55 -19.98 18.59 -1.31
CA ARG A 55 -19.23 18.91 -0.11
C ARG A 55 -19.65 20.22 0.55
N GLY A 56 -20.15 21.17 -0.23
CA GLY A 56 -20.36 22.51 0.29
C GLY A 56 -19.13 23.36 0.08
N PRO A 57 -19.27 24.67 0.29
CA PRO A 57 -18.20 25.60 -0.07
C PRO A 57 -16.92 25.39 0.73
N TYR A 58 -15.80 25.70 0.09
CA TYR A 58 -14.47 25.53 0.66
C TYR A 58 -14.08 26.79 1.42
N LYS A 59 -13.08 26.65 2.29
CA LYS A 59 -12.67 27.74 3.17
C LYS A 59 -12.10 28.92 2.39
ZN ZN D . 3.19 -9.48 -2.40
ZN ZN E . 3.43 -6.79 -0.79
#